data_6BD7
#
_entry.id   6BD7
#
_cell.length_a   77.559
_cell.length_b   102.800
_cell.length_c   128.570
_cell.angle_alpha   90.00
_cell.angle_beta   90.00
_cell.angle_gamma   90.00
#
_symmetry.space_group_name_H-M   'I 2 2 2'
#
loop_
_entity.id
_entity.type
_entity.pdbx_description
1 polymer 'Cytochrome P450 3A4'
2 non-polymer 'PROTOPORPHYRIN IX CONTAINING FE'
3 non-polymer 'tert-butyl [(2S)-1-{[(2R)-3-oxo-2-[(propan-2-yl)amino]-3-{[(pyridin-3-yl)methyl]amino}propyl]sulfanyl}-3-phenylpropan-2-yl]carbamate'
#
_entity_poly.entity_id   1
_entity_poly.type   'polypeptide(L)'
_entity_poly.pdbx_seq_one_letter_code
;MAYLYGTHSHGLFKKLGIPGPTPLPFLGNILSYHKGFCMFDMECHKKYGKVWGFYDGQQPVLAITDPDMIKTVLVKECYS
VFTNRRPFGPVGFMKSAISIAEDEEWKRLRSLLSPTFTSGKLKEMVPIIAQYGDVLVRNLRREAETGKPVTLKDVFGAYS
MDVITSTSFGVNIDSLNNPQDPFVENTKKLLRFDFLDPFFLSITVFPFLIPILEVLNICVFPREVTNFLRKSVKRMKESR
LEDTQKHRVDFLQLMIDSQNSKETESHKALSDLELVAQSIIFIFAGYETTSSVLSFIMYELATHPDVQQKLQEEIDAVLP
NKAPPTYDTVLQMEYLDMVVNETLRLFPIAMRLERVCKKDVEINGMFIPKGVVVMIPSYALHRDPKYWTEPEKFLPERFS
KKNKDNIDPYIYTPFGSGPRNCIGMRFALMNMKLALIRVLQNFSFKPCKETQIPLKLSLGGLLQPEKPVVLKVESRDGTV
SGAHHHH
;
_entity_poly.pdbx_strand_id   A
#
loop_
_chem_comp.id
_chem_comp.type
_chem_comp.name
_chem_comp.formula
D7J non-polymer 'tert-butyl [(2S)-1-{[(2R)-3-oxo-2-[(propan-2-yl)amino]-3-{[(pyridin-3-yl)methyl]amino}propyl]sulfanyl}-3-phenylpropan-2-yl]carbamate' 'C26 H38 N4 O3 S'
HEM non-polymer 'PROTOPORPHYRIN IX CONTAINING FE' 'C34 H32 Fe N4 O4'
#
# COMPACT_ATOMS: atom_id res chain seq x y z
N HIS A 8 23.47 0.10 -25.10
CA HIS A 8 23.49 -0.30 -23.70
C HIS A 8 22.84 0.73 -22.81
N SER A 9 23.13 2.01 -23.09
CA SER A 9 22.73 3.16 -22.28
C SER A 9 23.43 3.23 -20.93
N HIS A 10 24.40 2.34 -20.67
CA HIS A 10 25.04 2.32 -19.37
C HIS A 10 26.02 3.47 -19.18
N GLY A 11 26.18 4.32 -20.16
CA GLY A 11 26.99 5.51 -19.99
C GLY A 11 26.23 6.76 -19.59
N LEU A 12 24.91 6.69 -19.42
CA LEU A 12 24.11 7.91 -19.37
C LEU A 12 24.41 8.75 -18.13
N PHE A 13 24.48 8.12 -16.97
CA PHE A 13 24.68 8.89 -15.76
C PHE A 13 26.10 9.39 -15.66
N LYS A 14 27.05 8.60 -16.15
CA LYS A 14 28.43 9.03 -16.21
C LYS A 14 28.54 10.33 -16.99
N LYS A 15 27.76 10.47 -18.06
CA LYS A 15 27.77 11.68 -18.89
C LYS A 15 27.21 12.88 -18.13
N LEU A 16 25.94 12.81 -17.71
CA LEU A 16 25.24 13.96 -17.14
C LEU A 16 25.88 14.49 -15.86
N GLY A 17 26.94 13.85 -15.37
CA GLY A 17 27.57 14.26 -14.13
C GLY A 17 26.96 13.69 -12.88
N ILE A 18 26.07 12.70 -13.00
CA ILE A 18 25.36 12.13 -11.86
C ILE A 18 26.13 10.93 -11.33
N PRO A 19 26.30 10.81 -10.01
CA PRO A 19 27.03 9.66 -9.47
C PRO A 19 26.13 8.45 -9.26
N GLY A 20 26.79 7.30 -9.12
CA GLY A 20 26.12 6.05 -8.83
C GLY A 20 27.05 4.85 -8.93
N PRO A 21 26.56 3.68 -8.50
CA PRO A 21 27.36 2.46 -8.60
C PRO A 21 27.54 2.02 -10.04
N THR A 22 28.69 1.43 -10.29
CA THR A 22 29.04 1.04 -11.63
C THR A 22 28.20 -0.17 -12.03
N PRO A 23 27.52 -0.14 -13.19
CA PRO A 23 26.68 -1.26 -13.60
C PRO A 23 27.47 -2.39 -14.27
N LEU A 24 27.11 -3.63 -13.92
CA LEU A 24 27.62 -4.76 -14.66
C LEU A 24 26.92 -4.81 -16.02
N PRO A 25 27.55 -5.42 -17.03
CA PRO A 25 26.84 -5.66 -18.29
C PRO A 25 25.59 -6.51 -18.08
N PHE A 26 24.52 -6.14 -18.78
CA PHE A 26 23.22 -6.82 -18.78
C PHE A 26 22.50 -6.68 -17.44
N LEU A 27 23.14 -7.06 -16.32
CA LEU A 27 22.50 -6.93 -15.02
C LEU A 27 22.36 -5.52 -14.47
N GLY A 28 23.14 -4.57 -14.96
CA GLY A 28 23.09 -3.25 -14.34
C GLY A 28 23.44 -3.42 -12.89
N ASN A 29 22.67 -2.77 -12.02
CA ASN A 29 23.00 -2.77 -10.61
C ASN A 29 22.21 -3.79 -9.82
N ILE A 30 21.54 -4.74 -10.48
CA ILE A 30 20.55 -5.50 -9.74
C ILE A 30 21.18 -6.39 -8.71
N LEU A 31 22.43 -6.80 -8.88
CA LEU A 31 23.03 -7.63 -7.87
C LEU A 31 23.07 -6.93 -6.52
N SER A 32 22.94 -5.60 -6.50
CA SER A 32 22.94 -4.83 -5.26
C SER A 32 21.61 -4.86 -4.52
N TYR A 33 20.58 -5.50 -5.09
CA TYR A 33 19.33 -5.77 -4.41
C TYR A 33 19.39 -7.00 -3.49
N HIS A 34 20.57 -7.63 -3.37
CA HIS A 34 20.69 -8.80 -2.51
C HIS A 34 20.35 -8.47 -1.07
N LYS A 35 20.37 -7.18 -0.70
CA LYS A 35 19.99 -6.77 0.63
C LYS A 35 18.66 -6.02 0.65
N GLY A 36 17.96 -5.99 -0.47
CA GLY A 36 16.66 -5.37 -0.53
C GLY A 36 16.73 -3.90 -0.93
N PHE A 37 15.60 -3.42 -1.46
CA PHE A 37 15.50 -2.02 -1.87
C PHE A 37 15.80 -1.09 -0.73
N CYS A 38 15.30 -1.42 0.46
CA CYS A 38 15.45 -0.52 1.59
C CYS A 38 16.92 -0.33 1.93
N MET A 39 17.66 -1.43 2.11
CA MET A 39 19.07 -1.28 2.45
C MET A 39 19.88 -0.69 1.29
N PHE A 40 19.54 -1.02 0.05
CA PHE A 40 20.23 -0.42 -1.09
C PHE A 40 20.00 1.08 -1.14
N ASP A 41 18.76 1.51 -0.89
CA ASP A 41 18.43 2.93 -1.00
C ASP A 41 19.15 3.77 0.06
N MET A 42 19.16 3.33 1.33
CA MET A 42 19.87 4.09 2.37
CA MET A 42 19.85 4.11 2.37
C MET A 42 21.33 4.27 2.01
N GLU A 43 22.03 3.15 1.76
CA GLU A 43 23.41 3.17 1.32
C GLU A 43 23.66 4.25 0.28
N CYS A 44 22.88 4.21 -0.80
CA CYS A 44 23.04 5.14 -1.92
C CYS A 44 22.89 6.58 -1.45
N HIS A 45 21.86 6.84 -0.65
CA HIS A 45 21.65 8.18 -0.13
C HIS A 45 22.86 8.68 0.65
N LYS A 46 23.35 7.83 1.56
CA LYS A 46 24.61 8.05 2.27
C LYS A 46 25.75 8.24 1.29
N LYS A 47 26.18 7.16 0.60
CA LYS A 47 27.35 7.22 -0.27
C LYS A 47 27.31 8.41 -1.22
N TYR A 48 26.16 8.68 -1.84
CA TYR A 48 26.16 9.53 -3.03
C TYR A 48 25.54 10.91 -2.84
N GLY A 49 24.73 11.14 -1.81
CA GLY A 49 24.21 12.47 -1.58
C GLY A 49 22.76 12.70 -1.92
N LYS A 50 22.45 13.88 -2.48
CA LYS A 50 21.06 14.29 -2.69
C LYS A 50 20.42 13.66 -3.92
N VAL A 51 21.24 13.16 -4.85
CA VAL A 51 20.82 12.62 -6.15
CA VAL A 51 20.76 12.52 -6.07
C VAL A 51 21.74 11.43 -6.47
N TRP A 52 21.22 10.43 -7.18
CA TRP A 52 22.12 9.40 -7.74
C TRP A 52 21.41 8.61 -8.83
N GLY A 53 22.15 7.67 -9.41
CA GLY A 53 21.69 6.92 -10.57
C GLY A 53 22.16 5.49 -10.50
N PHE A 54 21.36 4.62 -11.12
CA PHE A 54 21.63 3.19 -11.17
C PHE A 54 20.77 2.61 -12.28
N TYR A 55 21.01 1.34 -12.60
CA TYR A 55 20.39 0.66 -13.74
C TYR A 55 19.71 -0.64 -13.30
N ASP A 56 18.39 -0.70 -13.49
CA ASP A 56 17.65 -1.97 -13.40
C ASP A 56 17.79 -2.63 -14.75
N GLY A 57 18.80 -3.49 -14.87
CA GLY A 57 19.22 -4.03 -16.17
C GLY A 57 19.79 -2.94 -17.06
N GLN A 58 19.05 -2.55 -18.09
CA GLN A 58 19.44 -1.44 -18.95
C GLN A 58 18.60 -0.21 -18.71
N GLN A 59 17.60 -0.30 -17.86
CA GLN A 59 16.70 0.82 -17.63
C GLN A 59 17.33 1.77 -16.62
N PRO A 60 17.58 3.03 -16.97
CA PRO A 60 18.17 3.97 -16.00
C PRO A 60 17.15 4.45 -14.98
N VAL A 61 17.59 4.51 -13.73
CA VAL A 61 16.74 5.03 -12.67
C VAL A 61 17.49 6.13 -11.96
N LEU A 62 16.91 7.34 -11.97
CA LEU A 62 17.44 8.48 -11.24
C LEU A 62 16.72 8.65 -9.90
N ALA A 63 17.47 8.59 -8.81
CA ALA A 63 16.92 8.85 -7.49
C ALA A 63 17.06 10.34 -7.14
N ILE A 64 16.07 10.87 -6.44
CA ILE A 64 16.04 12.27 -6.05
C ILE A 64 15.54 12.35 -4.62
N THR A 65 16.20 13.19 -3.82
CA THR A 65 15.82 13.37 -2.42
C THR A 65 15.60 14.83 -2.06
N ASP A 66 15.52 15.75 -3.04
CA ASP A 66 15.28 17.11 -2.61
C ASP A 66 13.80 17.43 -2.65
N PRO A 67 13.24 17.95 -1.56
CA PRO A 67 11.79 18.20 -1.52
C PRO A 67 11.27 19.10 -2.63
N ASP A 68 12.01 20.13 -3.05
CA ASP A 68 11.58 20.93 -4.20
C ASP A 68 11.46 20.06 -5.44
N MET A 69 12.55 19.37 -5.78
CA MET A 69 12.53 18.48 -6.94
C MET A 69 11.40 17.48 -6.85
N ILE A 70 11.11 16.98 -5.63
CA ILE A 70 10.09 15.96 -5.50
C ILE A 70 8.72 16.53 -5.82
N LYS A 71 8.49 17.80 -5.47
CA LYS A 71 7.18 18.42 -5.70
C LYS A 71 6.92 18.64 -7.18
N THR A 72 7.89 19.23 -7.89
CA THR A 72 7.76 19.40 -9.34
C THR A 72 7.32 18.10 -10.00
N VAL A 73 7.95 16.99 -9.60
CA VAL A 73 7.72 15.71 -10.25
C VAL A 73 6.29 15.21 -9.99
N LEU A 74 5.90 15.10 -8.72
CA LEU A 74 4.60 14.54 -8.40
C LEU A 74 3.46 15.54 -8.47
N VAL A 75 3.72 16.85 -8.57
CA VAL A 75 2.61 17.79 -8.60
C VAL A 75 2.67 18.70 -9.82
N LYS A 76 3.70 19.54 -9.91
CA LYS A 76 3.68 20.58 -10.93
C LYS A 76 3.70 19.97 -12.33
N GLU A 77 4.57 18.99 -12.55
CA GLU A 77 4.77 18.46 -13.89
C GLU A 77 4.21 17.06 -14.03
N CYS A 78 3.27 16.70 -13.15
CA CYS A 78 2.67 15.38 -13.20
C CYS A 78 1.95 15.16 -14.52
N TYR A 79 1.15 16.13 -14.94
CA TYR A 79 0.37 15.98 -16.17
C TYR A 79 1.24 16.09 -17.41
N SER A 80 2.22 17.00 -17.39
CA SER A 80 2.98 17.25 -18.61
C SER A 80 4.11 16.25 -18.81
N VAL A 81 4.69 15.71 -17.73
CA VAL A 81 5.97 15.02 -17.87
C VAL A 81 5.97 13.65 -17.20
N PHE A 82 5.52 13.61 -15.95
CA PHE A 82 5.68 12.44 -15.10
C PHE A 82 4.31 11.85 -14.77
N THR A 83 3.62 11.41 -15.80
CA THR A 83 2.26 10.91 -15.67
C THR A 83 2.15 9.42 -15.35
N ASN A 84 3.12 8.59 -15.75
CA ASN A 84 2.96 7.14 -15.63
C ASN A 84 4.07 6.52 -14.77
N ARG A 85 3.84 5.25 -14.41
CA ARG A 85 4.75 4.40 -13.66
C ARG A 85 5.50 3.46 -14.60
N ARG A 86 6.54 2.83 -14.09
N ARG A 86 6.49 2.78 -14.07
CA ARG A 86 7.39 2.05 -14.96
CA ARG A 86 7.13 1.87 -15.02
C ARG A 86 6.56 0.97 -15.64
C ARG A 86 6.32 0.59 -15.16
N PRO A 87 6.66 0.81 -16.97
N PRO A 87 6.16 0.08 -16.39
CA PRO A 87 5.88 -0.23 -17.66
CA PRO A 87 5.66 -1.28 -16.55
C PRO A 87 5.93 -1.57 -16.94
C PRO A 87 6.55 -2.24 -15.80
N PHE A 88 4.77 -2.22 -16.86
N PHE A 88 5.98 -3.39 -15.46
CA PHE A 88 4.60 -3.38 -15.99
CA PHE A 88 6.65 -4.32 -14.55
C PHE A 88 3.87 -4.47 -16.74
C PHE A 88 6.43 -5.79 -14.91
N GLY A 89 4.44 -5.66 -16.79
N GLY A 89 5.57 -6.10 -15.87
CA GLY A 89 3.82 -6.76 -17.49
CA GLY A 89 5.30 -7.46 -16.24
C GLY A 89 4.43 -8.10 -17.17
C GLY A 89 4.05 -7.58 -17.07
N PRO A 90 3.79 -9.16 -17.66
N PRO A 90 3.81 -8.77 -17.63
CA PRO A 90 2.59 -9.11 -18.51
CA PRO A 90 2.63 -8.98 -18.46
C PRO A 90 1.29 -8.94 -17.69
C PRO A 90 1.36 -8.83 -17.63
N VAL A 91 0.41 -8.05 -18.14
CA VAL A 91 -0.74 -7.64 -17.36
C VAL A 91 -2.07 -8.09 -17.93
N GLY A 92 -2.14 -8.54 -19.16
CA GLY A 92 -3.42 -9.01 -19.69
C GLY A 92 -4.45 -7.89 -19.66
N PHE A 93 -5.72 -8.29 -19.49
CA PHE A 93 -6.84 -7.35 -19.33
C PHE A 93 -6.69 -6.45 -18.11
N MET A 94 -5.79 -6.76 -17.17
CA MET A 94 -5.59 -5.81 -16.10
C MET A 94 -4.87 -4.56 -16.54
N LYS A 95 -4.52 -4.46 -17.83
CA LYS A 95 -3.99 -3.21 -18.37
C LYS A 95 -4.97 -2.05 -18.16
N SER A 96 -6.25 -2.36 -17.99
CA SER A 96 -7.28 -1.32 -17.83
CA SER A 96 -7.29 -1.34 -17.84
C SER A 96 -7.50 -0.91 -16.37
N ALA A 97 -6.70 -1.40 -15.44
CA ALA A 97 -6.91 -0.99 -14.06
C ALA A 97 -6.25 0.37 -13.84
N ILE A 98 -6.86 1.18 -12.98
CA ILE A 98 -6.44 2.58 -12.86
C ILE A 98 -4.96 2.68 -12.54
N SER A 99 -4.48 1.86 -11.61
CA SER A 99 -3.11 2.04 -11.14
C SER A 99 -2.10 1.61 -12.20
N ILE A 100 -2.55 0.92 -13.24
CA ILE A 100 -1.66 0.47 -14.27
C ILE A 100 -1.85 1.33 -15.52
N ALA A 101 -3.05 1.89 -15.69
CA ALA A 101 -3.33 2.58 -16.93
C ALA A 101 -2.51 3.86 -17.03
N GLU A 102 -2.48 4.42 -18.23
CA GLU A 102 -1.54 5.44 -18.60
C GLU A 102 -2.23 6.61 -19.26
N ASP A 103 -1.64 7.79 -19.04
CA ASP A 103 -1.99 9.01 -19.75
C ASP A 103 -3.47 9.32 -19.77
N GLU A 104 -4.05 9.37 -20.95
CA GLU A 104 -5.42 9.85 -21.07
C GLU A 104 -6.39 8.81 -20.56
N GLU A 105 -6.10 7.52 -20.78
CA GLU A 105 -6.96 6.52 -20.19
C GLU A 105 -6.95 6.64 -18.68
N TRP A 106 -5.75 6.86 -18.10
CA TRP A 106 -5.64 7.01 -16.66
C TRP A 106 -6.48 8.17 -16.17
N LYS A 107 -6.32 9.33 -16.81
CA LYS A 107 -7.03 10.51 -16.35
C LYS A 107 -8.54 10.30 -16.39
N ARG A 108 -9.05 9.69 -17.47
CA ARG A 108 -10.46 9.34 -17.53
C ARG A 108 -10.87 8.40 -16.40
N LEU A 109 -10.03 7.41 -16.09
CA LEU A 109 -10.37 6.43 -15.07
C LEU A 109 -10.36 7.02 -13.67
N ARG A 110 -9.27 7.71 -13.31
CA ARG A 110 -9.17 8.43 -12.05
C ARG A 110 -10.39 9.32 -11.81
N SER A 111 -10.98 9.86 -12.89
CA SER A 111 -12.15 10.72 -12.74
C SER A 111 -13.43 9.94 -12.51
N LEU A 112 -13.65 8.83 -13.23
CA LEU A 112 -14.87 8.06 -13.06
C LEU A 112 -14.88 7.32 -11.73
N LEU A 113 -13.77 7.31 -11.01
CA LEU A 113 -13.67 6.58 -9.75
C LEU A 113 -13.40 7.45 -8.54
N SER A 114 -13.00 8.70 -8.74
CA SER A 114 -12.77 9.59 -7.60
C SER A 114 -14.00 9.78 -6.72
N PRO A 115 -15.21 9.96 -7.24
CA PRO A 115 -16.36 10.17 -6.32
C PRO A 115 -16.62 8.97 -5.45
N THR A 116 -16.09 7.81 -5.82
CA THR A 116 -16.18 6.64 -4.98
C THR A 116 -15.41 6.82 -3.67
N PHE A 117 -14.34 7.62 -3.69
CA PHE A 117 -13.46 7.76 -2.52
C PHE A 117 -13.61 9.10 -1.80
N THR A 118 -14.77 9.76 -1.93
CA THR A 118 -15.00 10.99 -1.19
C THR A 118 -15.21 10.67 0.29
N SER A 119 -15.00 11.69 1.12
CA SER A 119 -15.33 11.57 2.54
C SER A 119 -16.80 11.23 2.73
N GLY A 120 -17.66 11.66 1.82
CA GLY A 120 -19.07 11.36 1.91
C GLY A 120 -19.40 9.88 1.80
N LYS A 121 -19.05 9.26 0.67
CA LYS A 121 -19.31 7.83 0.49
C LYS A 121 -18.67 7.00 1.59
N LEU A 122 -17.55 7.50 2.15
CA LEU A 122 -16.79 6.79 3.17
C LEU A 122 -17.50 6.81 4.52
N LYS A 123 -18.04 7.96 4.91
CA LYS A 123 -18.89 8.00 6.11
C LYS A 123 -20.09 7.06 5.96
N GLU A 124 -20.53 6.79 4.72
CA GLU A 124 -21.64 5.87 4.50
C GLU A 124 -21.23 4.44 4.79
N MET A 125 -19.99 4.09 4.47
CA MET A 125 -19.47 2.73 4.62
C MET A 125 -19.08 2.40 6.05
N VAL A 126 -18.97 3.39 6.94
CA VAL A 126 -18.50 3.12 8.30
C VAL A 126 -19.28 1.99 8.98
N PRO A 127 -20.62 2.00 9.02
CA PRO A 127 -21.33 0.94 9.77
C PRO A 127 -21.07 -0.47 9.25
N ILE A 128 -20.78 -0.63 7.95
CA ILE A 128 -20.43 -1.95 7.44
C ILE A 128 -19.10 -2.41 8.04
N ILE A 129 -18.03 -1.63 7.86
CA ILE A 129 -16.73 -1.96 8.39
C ILE A 129 -16.76 -2.13 9.91
N ALA A 130 -17.71 -1.48 10.59
CA ALA A 130 -17.78 -1.61 12.04
C ALA A 130 -18.23 -3.00 12.43
N GLN A 131 -19.31 -3.49 11.82
CA GLN A 131 -19.84 -4.83 12.08
C GLN A 131 -18.75 -5.90 12.11
N TYR A 132 -17.71 -5.73 11.29
CA TYR A 132 -16.62 -6.70 11.27
C TYR A 132 -15.53 -6.36 12.28
N GLY A 133 -15.57 -5.18 12.90
CA GLY A 133 -14.86 -4.99 14.15
C GLY A 133 -15.32 -5.97 15.21
N ASP A 134 -16.65 -6.11 15.35
CA ASP A 134 -17.20 -7.08 16.28
C ASP A 134 -16.73 -8.49 15.98
N VAL A 135 -16.88 -8.95 14.72
CA VAL A 135 -16.46 -10.29 14.33
C VAL A 135 -15.01 -10.52 14.78
N LEU A 136 -14.17 -9.52 14.52
CA LEU A 136 -12.75 -9.63 14.84
C LEU A 136 -12.53 -9.88 16.32
N VAL A 137 -13.37 -9.29 17.16
CA VAL A 137 -13.26 -9.36 18.62
C VAL A 137 -13.53 -10.77 19.07
N ARG A 138 -14.76 -11.24 18.85
CA ARG A 138 -15.14 -12.62 19.12
C ARG A 138 -14.04 -13.61 18.73
N ASN A 139 -13.48 -13.46 17.53
CA ASN A 139 -12.45 -14.39 17.07
C ASN A 139 -11.19 -14.24 17.91
N LEU A 140 -10.84 -13.00 18.27
CA LEU A 140 -9.69 -12.75 19.11
C LEU A 140 -9.87 -13.33 20.51
N ARG A 141 -11.02 -13.04 21.13
CA ARG A 141 -11.27 -13.54 22.46
C ARG A 141 -11.23 -15.06 22.50
N ARG A 142 -11.65 -15.72 21.42
CA ARG A 142 -11.57 -17.16 21.38
C ARG A 142 -10.12 -17.62 21.49
N GLU A 143 -9.20 -16.86 20.91
CA GLU A 143 -7.78 -17.12 21.13
C GLU A 143 -7.27 -16.49 22.42
N ALA A 144 -8.00 -15.54 22.99
CA ALA A 144 -7.60 -14.92 24.24
C ALA A 144 -8.13 -15.65 25.46
N GLU A 145 -9.20 -16.42 25.29
CA GLU A 145 -9.67 -17.31 26.36
C GLU A 145 -8.87 -18.60 26.40
N THR A 146 -8.10 -18.91 25.34
CA THR A 146 -7.21 -20.07 25.28
C THR A 146 -5.77 -19.53 25.13
N GLY A 147 -5.07 -19.39 26.25
CA GLY A 147 -3.76 -18.77 26.31
C GLY A 147 -2.71 -19.29 25.35
N LYS A 148 -2.96 -19.10 24.06
CA LYS A 148 -2.09 -19.50 22.97
C LYS A 148 -1.63 -18.25 22.24
N PRO A 149 -0.32 -18.10 21.97
CA PRO A 149 0.16 -16.91 21.22
C PRO A 149 -0.51 -16.80 19.85
N VAL A 150 -0.65 -15.56 19.37
CA VAL A 150 -1.50 -15.25 18.22
C VAL A 150 -0.67 -14.67 17.08
N THR A 151 -0.95 -15.14 15.85
CA THR A 151 -0.32 -14.61 14.64
CA THR A 151 -0.32 -14.61 14.64
C THR A 151 -1.22 -13.52 14.06
N LEU A 152 -0.76 -12.27 14.17
CA LEU A 152 -1.63 -11.13 13.86
C LEU A 152 -2.11 -11.15 12.43
N LYS A 153 -1.20 -11.37 11.47
CA LYS A 153 -1.55 -11.32 10.06
C LYS A 153 -2.66 -12.31 9.73
N ASP A 154 -2.69 -13.46 10.41
CA ASP A 154 -3.79 -14.40 10.21
C ASP A 154 -5.11 -13.78 10.65
N VAL A 155 -5.13 -13.15 11.81
CA VAL A 155 -6.39 -12.65 12.31
C VAL A 155 -6.73 -11.29 11.71
N PHE A 156 -5.71 -10.47 11.41
CA PHE A 156 -5.97 -9.21 10.70
C PHE A 156 -6.23 -9.45 9.22
N GLY A 157 -5.57 -10.42 8.62
CA GLY A 157 -5.96 -10.82 7.27
C GLY A 157 -7.43 -11.17 7.19
N ALA A 158 -7.91 -11.99 8.13
CA ALA A 158 -9.31 -12.40 8.11
C ALA A 158 -10.22 -11.20 8.24
N TYR A 159 -9.86 -10.26 9.11
CA TYR A 159 -10.59 -9.01 9.18
C TYR A 159 -10.48 -8.21 7.88
N SER A 160 -9.26 -8.00 7.38
CA SER A 160 -9.06 -7.18 6.19
C SER A 160 -9.90 -7.70 5.02
N MET A 161 -9.70 -8.96 4.68
CA MET A 161 -10.58 -9.72 3.78
C MET A 161 -12.06 -9.47 4.01
N ASP A 162 -12.54 -9.74 5.23
CA ASP A 162 -13.94 -9.49 5.57
C ASP A 162 -14.37 -8.10 5.13
N VAL A 163 -13.55 -7.09 5.39
CA VAL A 163 -13.92 -5.73 5.05
C VAL A 163 -13.94 -5.53 3.54
N ILE A 164 -12.99 -6.15 2.84
CA ILE A 164 -12.94 -6.00 1.39
C ILE A 164 -14.22 -6.53 0.78
N THR A 165 -14.54 -7.80 1.07
CA THR A 165 -15.72 -8.43 0.48
C THR A 165 -16.95 -7.55 0.63
N SER A 166 -17.20 -7.03 1.83
CA SER A 166 -18.44 -6.30 2.05
C SER A 166 -18.38 -4.91 1.42
N THR A 167 -17.31 -4.17 1.65
CA THR A 167 -17.21 -2.82 1.08
C THR A 167 -17.11 -2.80 -0.42
N SER A 168 -16.92 -3.93 -1.09
CA SER A 168 -16.84 -3.88 -2.54
C SER A 168 -17.84 -4.77 -3.27
N PHE A 169 -18.48 -5.76 -2.60
CA PHE A 169 -19.45 -6.63 -3.27
C PHE A 169 -20.69 -6.97 -2.44
N GLY A 170 -20.80 -6.52 -1.20
CA GLY A 170 -21.92 -6.90 -0.38
C GLY A 170 -21.78 -8.25 0.30
N VAL A 171 -20.83 -9.08 -0.11
CA VAL A 171 -20.66 -10.41 0.47
C VAL A 171 -20.25 -10.30 1.95
N ASN A 172 -20.82 -11.18 2.77
CA ASN A 172 -20.64 -11.12 4.22
C ASN A 172 -20.26 -12.50 4.74
N ILE A 173 -19.01 -12.64 5.14
CA ILE A 173 -18.48 -13.89 5.68
C ILE A 173 -17.52 -13.51 6.79
N ASP A 174 -17.40 -14.37 7.80
CA ASP A 174 -16.26 -14.33 8.70
C ASP A 174 -15.27 -15.34 8.13
N SER A 175 -14.37 -14.83 7.29
CA SER A 175 -13.47 -15.69 6.53
CA SER A 175 -13.46 -15.67 6.53
C SER A 175 -12.69 -16.63 7.44
N LEU A 176 -12.33 -16.16 8.64
CA LEU A 176 -11.59 -17.02 9.56
C LEU A 176 -12.31 -18.34 9.80
N ASN A 177 -13.64 -18.30 9.91
CA ASN A 177 -14.41 -19.53 10.17
C ASN A 177 -14.96 -20.16 8.92
N ASN A 178 -15.03 -19.45 7.81
CA ASN A 178 -15.34 -20.11 6.55
C ASN A 178 -14.09 -20.07 5.69
N PRO A 179 -12.96 -20.62 6.14
CA PRO A 179 -11.69 -20.42 5.42
C PRO A 179 -11.72 -21.00 4.03
N GLN A 180 -12.81 -21.68 3.70
CA GLN A 180 -12.93 -22.49 2.50
C GLN A 180 -14.15 -22.08 1.68
N ASP A 181 -14.69 -20.90 1.95
CA ASP A 181 -15.69 -20.30 1.06
C ASP A 181 -15.02 -19.91 -0.25
N PRO A 182 -15.64 -20.21 -1.40
CA PRO A 182 -15.01 -19.86 -2.69
C PRO A 182 -14.58 -18.39 -2.76
N PHE A 183 -15.48 -17.48 -2.43
CA PHE A 183 -15.13 -16.07 -2.46
C PHE A 183 -13.97 -15.72 -1.53
N VAL A 184 -13.55 -16.63 -0.65
CA VAL A 184 -12.41 -16.38 0.21
C VAL A 184 -11.13 -16.97 -0.38
N GLU A 185 -11.23 -18.13 -1.05
CA GLU A 185 -10.05 -18.80 -1.60
C GLU A 185 -9.35 -17.95 -2.65
N ASN A 186 -10.05 -17.59 -3.72
CA ASN A 186 -9.45 -16.78 -4.79
C ASN A 186 -8.72 -15.57 -4.21
N THR A 187 -9.42 -14.80 -3.38
CA THR A 187 -8.93 -13.52 -2.89
C THR A 187 -7.60 -13.64 -2.13
N LYS A 188 -7.41 -14.75 -1.41
CA LYS A 188 -6.19 -14.99 -0.65
C LYS A 188 -4.98 -15.11 -1.58
N LYS A 189 -5.20 -15.58 -2.81
CA LYS A 189 -4.14 -15.66 -3.80
C LYS A 189 -3.63 -14.31 -4.25
N LEU A 190 -4.41 -13.25 -4.03
CA LEU A 190 -4.07 -11.89 -4.46
C LEU A 190 -3.09 -11.28 -3.45
N LEU A 191 -1.83 -11.66 -3.60
CA LEU A 191 -0.77 -11.22 -2.70
C LEU A 191 0.15 -10.21 -3.36
N ARG A 192 0.65 -9.29 -2.52
CA ARG A 192 1.58 -8.25 -2.95
C ARG A 192 2.77 -8.86 -3.69
N PHE A 193 3.07 -8.32 -4.86
CA PHE A 193 4.14 -8.83 -5.71
C PHE A 193 5.51 -8.58 -5.10
N ASP A 194 6.30 -9.65 -4.99
CA ASP A 194 7.71 -9.59 -4.59
C ASP A 194 8.54 -9.27 -5.83
N PHE A 195 8.89 -8.00 -6.01
CA PHE A 195 9.63 -7.59 -7.21
C PHE A 195 11.11 -8.06 -7.20
N LEU A 196 11.55 -8.93 -6.28
CA LEU A 196 12.90 -9.50 -6.30
C LEU A 196 12.90 -11.02 -6.28
N ASP A 197 11.76 -11.66 -6.60
CA ASP A 197 11.70 -13.11 -6.81
C ASP A 197 12.24 -13.45 -8.20
N PRO A 198 12.50 -14.75 -8.49
CA PRO A 198 13.16 -15.08 -9.76
C PRO A 198 12.47 -14.46 -10.96
N PHE A 199 11.16 -14.51 -10.98
CA PHE A 199 10.39 -14.12 -12.16
C PHE A 199 10.57 -12.64 -12.48
N PHE A 200 10.26 -11.76 -11.50
CA PHE A 200 10.27 -10.33 -11.81
C PHE A 200 11.67 -9.83 -12.10
N LEU A 201 12.68 -10.39 -11.42
CA LEU A 201 14.05 -10.09 -11.79
C LEU A 201 14.29 -10.41 -13.27
N SER A 202 13.98 -11.65 -13.68
CA SER A 202 14.15 -12.03 -15.07
C SER A 202 13.51 -11.01 -16.03
N ILE A 203 12.35 -10.48 -15.66
CA ILE A 203 11.70 -9.43 -16.44
C ILE A 203 12.61 -8.22 -16.58
N THR A 204 13.34 -7.89 -15.53
CA THR A 204 14.26 -6.75 -15.60
C THR A 204 15.44 -7.04 -16.53
N VAL A 205 15.95 -8.26 -16.50
CA VAL A 205 17.02 -8.63 -17.42
C VAL A 205 16.48 -8.78 -18.84
N PHE A 206 15.25 -9.28 -18.97
CA PHE A 206 14.63 -9.48 -20.28
C PHE A 206 13.28 -8.78 -20.42
N PRO A 207 13.22 -7.45 -20.27
CA PRO A 207 11.94 -6.76 -20.52
C PRO A 207 11.37 -7.05 -21.91
N PHE A 208 12.22 -7.37 -22.88
CA PHE A 208 11.74 -7.88 -24.16
C PHE A 208 10.98 -9.20 -24.02
N LEU A 209 11.07 -9.86 -22.89
CA LEU A 209 10.28 -11.06 -22.71
C LEU A 209 8.83 -10.74 -22.43
N ILE A 210 8.55 -9.55 -21.89
CA ILE A 210 7.17 -9.16 -21.61
C ILE A 210 6.25 -9.32 -22.81
N PRO A 211 6.56 -8.76 -23.99
CA PRO A 211 5.67 -8.99 -25.15
C PRO A 211 5.39 -10.46 -25.37
N ILE A 212 6.44 -11.27 -25.34
CA ILE A 212 6.33 -12.69 -25.59
C ILE A 212 5.30 -13.33 -24.67
N LEU A 213 5.49 -13.16 -23.37
CA LEU A 213 4.51 -13.63 -22.39
C LEU A 213 3.09 -13.13 -22.66
N GLU A 214 2.92 -11.85 -23.06
CA GLU A 214 1.56 -11.37 -23.34
C GLU A 214 0.93 -12.13 -24.49
N VAL A 215 1.74 -12.60 -25.45
CA VAL A 215 1.16 -13.24 -26.62
C VAL A 215 0.79 -14.66 -26.28
N LEU A 216 1.23 -15.17 -25.12
CA LEU A 216 0.76 -16.43 -24.57
C LEU A 216 -0.25 -16.25 -23.43
N ASN A 217 -0.96 -15.13 -23.40
CA ASN A 217 -1.96 -14.81 -22.37
C ASN A 217 -1.53 -15.21 -20.95
N ILE A 218 -0.23 -15.25 -20.72
CA ILE A 218 0.32 -15.37 -19.38
C ILE A 218 0.22 -14.03 -18.67
N CYS A 219 -0.25 -14.06 -17.43
CA CYS A 219 -0.55 -12.84 -16.68
C CYS A 219 0.06 -12.92 -15.29
N VAL A 220 0.42 -11.76 -14.73
CA VAL A 220 0.85 -11.72 -13.33
C VAL A 220 -0.33 -11.82 -12.37
N PHE A 221 -1.56 -11.63 -12.85
CA PHE A 221 -2.74 -11.86 -12.04
C PHE A 221 -3.32 -13.21 -12.46
N PRO A 222 -3.11 -14.28 -11.66
CA PRO A 222 -3.46 -15.64 -12.08
C PRO A 222 -4.80 -15.72 -12.79
N ARG A 223 -4.80 -16.36 -13.96
CA ARG A 223 -5.95 -16.28 -14.87
C ARG A 223 -7.22 -16.82 -14.25
N GLU A 224 -7.14 -17.61 -13.20
CA GLU A 224 -8.34 -18.22 -12.63
C GLU A 224 -9.01 -17.31 -11.60
N VAL A 225 -8.23 -16.76 -10.67
CA VAL A 225 -8.71 -15.72 -9.77
C VAL A 225 -9.53 -14.69 -10.56
N THR A 226 -8.91 -14.12 -11.60
CA THR A 226 -9.58 -13.12 -12.41
C THR A 226 -10.82 -13.68 -13.10
N ASN A 227 -10.72 -14.90 -13.65
CA ASN A 227 -11.88 -15.50 -14.29
C ASN A 227 -13.00 -15.70 -13.29
N PHE A 228 -12.66 -16.04 -12.05
CA PHE A 228 -13.71 -16.21 -11.04
C PHE A 228 -14.44 -14.90 -10.79
N LEU A 229 -13.69 -13.83 -10.57
CA LEU A 229 -14.30 -12.58 -10.18
C LEU A 229 -15.12 -11.97 -11.31
N ARG A 230 -14.63 -12.09 -12.56
CA ARG A 230 -15.34 -11.50 -13.68
C ARG A 230 -16.78 -11.99 -13.72
N LYS A 231 -16.96 -13.30 -13.85
CA LYS A 231 -18.31 -13.84 -13.82
C LYS A 231 -19.01 -13.51 -12.51
N SER A 232 -18.30 -13.62 -11.37
CA SER A 232 -18.87 -13.21 -10.08
C SER A 232 -19.45 -11.81 -10.16
N VAL A 233 -18.65 -10.88 -10.71
CA VAL A 233 -19.11 -9.52 -10.89
C VAL A 233 -20.23 -9.47 -11.92
N LYS A 234 -20.05 -10.15 -13.06
CA LYS A 234 -21.09 -10.18 -14.08
C LYS A 234 -22.35 -10.92 -13.64
N ARG A 235 -22.30 -11.63 -12.51
CA ARG A 235 -23.49 -12.19 -11.86
C ARG A 235 -24.15 -11.19 -10.93
N MET A 236 -23.37 -10.63 -10.00
CA MET A 236 -23.90 -9.60 -9.11
C MET A 236 -24.47 -8.45 -9.91
N LYS A 237 -23.73 -8.00 -10.93
CA LYS A 237 -24.25 -6.98 -11.83
C LYS A 237 -25.66 -7.32 -12.29
N GLU A 238 -25.92 -8.59 -12.56
CA GLU A 238 -27.22 -9.04 -13.04
C GLU A 238 -28.04 -9.74 -11.95
N SER A 239 -27.77 -9.44 -10.70
CA SER A 239 -28.66 -9.82 -9.60
C SER A 239 -29.09 -8.62 -8.78
N ARG A 240 -28.20 -7.66 -8.53
CA ARG A 240 -28.66 -6.37 -8.03
C ARG A 240 -29.50 -5.64 -9.07
N LEU A 241 -29.16 -5.82 -10.34
CA LEU A 241 -29.91 -5.27 -11.48
C LEU A 241 -30.74 -6.42 -12.03
N GLU A 242 -32.01 -6.48 -11.62
CA GLU A 242 -32.57 -5.46 -10.72
C GLU A 242 -33.31 -6.06 -9.51
N ASP A 243 -33.04 -5.51 -8.33
CA ASP A 243 -33.71 -5.91 -7.08
C ASP A 243 -33.64 -4.81 -6.02
N ARG A 248 -25.58 1.44 -2.99
CA ARG A 248 -26.26 0.78 -1.88
C ARG A 248 -25.58 -0.52 -1.46
N VAL A 249 -24.36 -0.46 -0.90
CA VAL A 249 -23.56 0.75 -0.65
C VAL A 249 -22.05 0.57 -1.00
N ASP A 250 -21.70 -0.42 -1.82
CA ASP A 250 -20.32 -0.87 -1.98
C ASP A 250 -19.66 -0.28 -3.23
N PHE A 251 -18.34 -0.52 -3.36
CA PHE A 251 -17.61 0.00 -4.52
C PHE A 251 -18.27 -0.44 -5.84
N LEU A 252 -18.77 -1.67 -5.89
CA LEU A 252 -19.36 -2.14 -7.15
C LEU A 252 -20.54 -1.26 -7.54
N GLN A 253 -21.51 -1.12 -6.64
CA GLN A 253 -22.70 -0.34 -6.92
C GLN A 253 -22.34 1.09 -7.33
N LEU A 254 -21.42 1.70 -6.58
CA LEU A 254 -20.93 3.03 -6.94
C LEU A 254 -20.44 3.07 -8.38
N MET A 255 -19.76 2.01 -8.82
CA MET A 255 -19.25 1.96 -10.18
C MET A 255 -20.35 1.64 -11.18
N ILE A 256 -21.27 0.75 -10.80
CA ILE A 256 -22.42 0.49 -11.66
C ILE A 256 -23.22 1.77 -11.82
N ASP A 257 -23.49 2.46 -10.70
CA ASP A 257 -24.23 3.71 -10.74
C ASP A 257 -23.51 4.74 -11.59
N SER A 258 -22.19 4.62 -11.74
CA SER A 258 -21.44 5.59 -12.52
C SER A 258 -21.57 5.37 -14.02
N GLN A 259 -21.62 4.11 -14.47
CA GLN A 259 -21.77 3.86 -15.89
C GLN A 259 -23.20 4.13 -16.37
N ASN A 260 -24.00 4.77 -15.52
CA ASN A 260 -25.27 5.44 -15.81
C ASN A 260 -25.15 6.91 -15.40
N SER A 261 -26.26 7.64 -15.51
CA SER A 261 -26.36 9.06 -15.10
C SER A 261 -25.09 9.89 -15.33
N SER A 266 -12.13 12.00 -19.75
CA SER A 266 -13.16 11.35 -18.96
C SER A 266 -14.34 10.90 -19.83
N HIS A 267 -15.52 10.84 -19.24
CA HIS A 267 -16.72 10.43 -19.96
C HIS A 267 -16.57 9.01 -20.50
N LYS A 268 -17.35 8.70 -21.53
CA LYS A 268 -17.31 7.38 -22.15
C LYS A 268 -17.79 6.30 -21.17
N ALA A 269 -18.21 6.73 -19.99
CA ALA A 269 -18.70 5.80 -18.97
C ALA A 269 -17.66 4.74 -18.66
N LEU A 270 -18.06 3.73 -17.90
CA LEU A 270 -17.16 2.65 -17.53
C LEU A 270 -17.61 1.36 -18.20
N SER A 271 -16.68 0.74 -18.91
CA SER A 271 -16.95 -0.54 -19.54
C SER A 271 -17.11 -1.64 -18.50
N ASP A 272 -17.82 -2.70 -18.88
CA ASP A 272 -18.03 -3.81 -17.98
CA ASP A 272 -18.03 -3.84 -18.00
C ASP A 272 -16.70 -4.47 -17.58
N LEU A 273 -15.80 -4.65 -18.54
CA LEU A 273 -14.52 -5.22 -18.18
C LEU A 273 -13.64 -4.19 -17.45
N GLU A 274 -13.76 -2.91 -17.80
CA GLU A 274 -13.07 -1.88 -17.03
C GLU A 274 -13.52 -1.90 -15.58
N LEU A 275 -14.81 -2.15 -15.37
CA LEU A 275 -15.33 -2.19 -14.02
C LEU A 275 -14.73 -3.34 -13.23
N VAL A 276 -14.56 -4.51 -13.86
CA VAL A 276 -13.99 -5.68 -13.19
C VAL A 276 -12.58 -5.41 -12.71
N ALA A 277 -11.77 -4.77 -13.56
CA ALA A 277 -10.35 -4.57 -13.22
C ALA A 277 -10.19 -3.69 -11.99
N GLN A 278 -11.03 -2.66 -11.87
CA GLN A 278 -11.01 -1.83 -10.67
C GLN A 278 -11.40 -2.65 -9.46
N SER A 279 -12.44 -3.47 -9.59
CA SER A 279 -12.81 -4.35 -8.50
C SER A 279 -11.60 -5.14 -8.02
N ILE A 280 -10.87 -5.72 -8.95
CA ILE A 280 -9.75 -6.57 -8.57
C ILE A 280 -8.65 -5.74 -7.92
N ILE A 281 -8.35 -4.57 -8.49
CA ILE A 281 -7.23 -3.79 -7.97
C ILE A 281 -7.52 -3.35 -6.54
N PHE A 282 -8.74 -2.89 -6.25
CA PHE A 282 -9.07 -2.50 -4.88
C PHE A 282 -8.85 -3.66 -3.92
N ILE A 283 -9.24 -4.85 -4.33
CA ILE A 283 -8.97 -6.03 -3.53
C ILE A 283 -7.47 -6.19 -3.28
N PHE A 284 -6.70 -6.31 -4.37
CA PHE A 284 -5.24 -6.43 -4.30
C PHE A 284 -4.59 -5.35 -3.45
N ALA A 285 -5.01 -4.08 -3.62
CA ALA A 285 -4.41 -2.98 -2.89
C ALA A 285 -4.73 -3.05 -1.41
N GLY A 286 -5.96 -3.42 -1.04
CA GLY A 286 -6.43 -3.18 0.31
C GLY A 286 -6.21 -4.39 1.18
N TYR A 287 -5.97 -5.54 0.58
CA TYR A 287 -5.97 -6.77 1.36
C TYR A 287 -4.72 -6.90 2.19
N GLU A 288 -3.60 -7.17 1.52
CA GLU A 288 -2.37 -7.43 2.25
C GLU A 288 -1.83 -6.17 2.88
N THR A 289 -2.24 -5.01 2.39
CA THR A 289 -1.69 -3.78 2.95
C THR A 289 -2.29 -3.51 4.32
N THR A 290 -3.62 -3.45 4.37
CA THR A 290 -4.35 -3.25 5.61
C THR A 290 -3.90 -4.22 6.69
N SER A 291 -3.82 -5.48 6.33
CA SER A 291 -3.41 -6.45 7.31
C SER A 291 -1.93 -6.30 7.66
N SER A 292 -1.10 -5.77 6.75
CA SER A 292 0.32 -5.64 7.06
C SER A 292 0.59 -4.45 7.98
N VAL A 293 -0.09 -3.34 7.70
CA VAL A 293 0.10 -2.18 8.53
C VAL A 293 -0.42 -2.43 9.92
N LEU A 294 -1.57 -3.08 10.00
CA LEU A 294 -2.17 -3.37 11.28
C LEU A 294 -1.24 -4.24 12.12
N SER A 295 -0.50 -5.14 11.47
CA SER A 295 0.47 -5.95 12.18
C SER A 295 1.65 -5.10 12.66
N PHE A 296 2.15 -4.21 11.82
CA PHE A 296 3.29 -3.41 12.26
C PHE A 296 2.91 -2.55 13.46
N ILE A 297 1.65 -2.10 13.55
CA ILE A 297 1.20 -1.21 14.60
C ILE A 297 1.07 -1.97 15.92
N MET A 298 0.48 -3.16 15.88
CA MET A 298 0.44 -3.97 17.08
C MET A 298 1.84 -4.41 17.52
N TYR A 299 2.80 -4.54 16.59
CA TYR A 299 4.16 -4.82 17.03
C TYR A 299 4.73 -3.66 17.82
N GLU A 300 4.41 -2.42 17.43
CA GLU A 300 4.95 -1.29 18.18
C GLU A 300 4.20 -1.06 19.49
N LEU A 301 2.91 -1.36 19.51
CA LEU A 301 2.19 -1.15 20.75
C LEU A 301 2.59 -2.16 21.81
N ALA A 302 2.96 -3.37 21.40
CA ALA A 302 3.36 -4.41 22.35
C ALA A 302 4.77 -4.18 22.90
N THR A 303 5.67 -3.63 22.08
CA THR A 303 7.02 -3.30 22.50
C THR A 303 7.15 -1.89 23.03
N HIS A 304 6.06 -1.11 23.07
CA HIS A 304 6.03 0.20 23.71
C HIS A 304 4.80 0.30 24.58
N PRO A 305 4.82 -0.32 25.78
CA PRO A 305 3.58 -0.44 26.58
C PRO A 305 2.93 0.88 26.99
N ASP A 306 3.73 1.91 27.28
CA ASP A 306 3.21 3.26 27.51
C ASP A 306 2.23 3.66 26.42
N VAL A 307 2.67 3.54 25.18
CA VAL A 307 1.90 4.05 24.05
C VAL A 307 0.57 3.32 23.93
N GLN A 308 0.58 2.01 24.16
CA GLN A 308 -0.68 1.24 24.15
C GLN A 308 -1.59 1.70 25.27
N GLN A 309 -1.02 1.97 26.44
CA GLN A 309 -1.83 2.44 27.56
C GLN A 309 -2.36 3.84 27.31
N LYS A 310 -1.52 4.73 26.78
CA LYS A 310 -1.99 6.09 26.51
C LYS A 310 -3.11 6.06 25.48
N LEU A 311 -3.00 5.18 24.50
CA LEU A 311 -4.01 5.08 23.46
C LEU A 311 -5.30 4.48 23.99
N GLN A 312 -5.20 3.42 24.78
CA GLN A 312 -6.37 2.81 25.39
C GLN A 312 -7.13 3.81 26.25
N GLU A 313 -6.39 4.62 27.03
CA GLU A 313 -7.03 5.68 27.80
C GLU A 313 -7.78 6.66 26.90
N GLU A 314 -7.13 7.09 25.81
CA GLU A 314 -7.77 8.05 24.90
C GLU A 314 -9.07 7.47 24.32
N ILE A 315 -9.06 6.19 23.96
CA ILE A 315 -10.23 5.56 23.36
C ILE A 315 -11.39 5.52 24.35
N ASP A 316 -11.11 5.19 25.62
CA ASP A 316 -12.17 5.11 26.63
C ASP A 316 -12.83 6.46 26.88
N ALA A 317 -12.08 7.56 26.81
CA ALA A 317 -12.66 8.88 27.02
C ALA A 317 -13.60 9.27 25.88
N VAL A 318 -13.18 9.09 24.62
CA VAL A 318 -14.07 9.38 23.51
C VAL A 318 -15.25 8.42 23.50
N LEU A 319 -14.95 7.12 23.65
CA LEU A 319 -15.94 6.05 23.65
C LEU A 319 -16.04 5.41 25.03
N PRO A 320 -16.71 6.05 25.99
CA PRO A 320 -16.89 5.41 27.30
C PRO A 320 -17.85 4.23 27.22
N ASN A 321 -17.57 3.21 28.05
CA ASN A 321 -18.35 1.97 28.12
C ASN A 321 -18.19 1.14 26.86
N LYS A 322 -16.98 1.13 26.32
CA LYS A 322 -16.69 0.43 25.07
C LYS A 322 -17.70 0.84 23.99
N ALA A 323 -18.15 2.12 24.07
CA ALA A 323 -19.07 2.67 23.08
C ALA A 323 -18.54 2.46 21.66
N PRO A 324 -19.42 2.23 20.70
CA PRO A 324 -18.96 1.85 19.36
C PRO A 324 -18.37 3.04 18.63
N PRO A 325 -17.27 2.86 17.91
CA PRO A 325 -16.65 3.99 17.21
C PRO A 325 -17.48 4.41 16.01
N THR A 326 -17.54 5.73 15.77
CA THR A 326 -18.17 6.29 14.59
C THR A 326 -17.15 7.06 13.77
N TYR A 327 -17.57 7.39 12.54
CA TYR A 327 -16.75 8.20 11.64
C TYR A 327 -16.23 9.44 12.36
N ASP A 328 -17.13 10.19 12.99
CA ASP A 328 -16.76 11.46 13.62
C ASP A 328 -15.89 11.23 14.85
N THR A 329 -16.23 10.24 15.69
CA THR A 329 -15.40 10.01 16.86
C THR A 329 -14.08 9.34 16.49
N VAL A 330 -13.98 8.75 15.30
CA VAL A 330 -12.69 8.25 14.84
C VAL A 330 -11.77 9.40 14.48
N LEU A 331 -12.23 10.32 13.63
CA LEU A 331 -11.43 11.50 13.27
C LEU A 331 -11.16 12.38 14.47
N GLN A 332 -11.79 12.10 15.60
CA GLN A 332 -11.55 12.90 16.79
C GLN A 332 -10.23 12.53 17.47
N MET A 333 -9.77 11.29 17.33
CA MET A 333 -8.70 10.73 18.16
C MET A 333 -7.32 11.11 17.62
N GLU A 334 -6.56 11.88 18.40
CA GLU A 334 -5.31 12.43 17.91
C GLU A 334 -4.14 11.46 18.11
N TYR A 335 -4.00 10.93 19.34
CA TYR A 335 -2.90 9.98 19.59
C TYR A 335 -2.98 8.78 18.67
N LEU A 336 -4.18 8.24 18.49
CA LEU A 336 -4.43 7.22 17.48
C LEU A 336 -3.90 7.62 16.12
N ASP A 337 -4.20 8.84 15.66
CA ASP A 337 -3.67 9.25 14.37
C ASP A 337 -2.15 9.34 14.41
N MET A 338 -1.61 9.84 15.52
CA MET A 338 -0.15 9.94 15.72
C MET A 338 0.50 8.59 15.57
N VAL A 339 -0.06 7.58 16.26
CA VAL A 339 0.49 6.23 16.29
C VAL A 339 0.47 5.62 14.89
N VAL A 340 -0.63 5.82 14.15
CA VAL A 340 -0.74 5.26 12.81
C VAL A 340 0.32 5.85 11.91
N ASN A 341 0.47 7.17 11.96
CA ASN A 341 1.43 7.87 11.12
C ASN A 341 2.86 7.47 11.44
N GLU A 342 3.19 7.31 12.72
CA GLU A 342 4.58 7.02 13.05
C GLU A 342 4.92 5.57 12.66
N THR A 343 3.94 4.66 12.70
CA THR A 343 4.15 3.33 12.13
C THR A 343 4.43 3.41 10.63
N LEU A 344 3.59 4.16 9.90
CA LEU A 344 3.79 4.35 8.47
C LEU A 344 5.11 5.04 8.18
N ARG A 345 5.64 5.83 9.11
CA ARG A 345 6.98 6.34 8.87
C ARG A 345 8.00 5.21 8.87
N LEU A 346 8.01 4.38 9.92
CA LEU A 346 9.04 3.35 10.00
C LEU A 346 8.80 2.19 9.03
N PHE A 347 7.61 2.08 8.46
CA PHE A 347 7.28 0.96 7.56
C PHE A 347 6.38 1.42 6.43
N PRO A 348 6.86 2.30 5.58
CA PRO A 348 6.06 2.73 4.42
C PRO A 348 6.05 1.67 3.32
N ILE A 349 4.99 0.87 3.25
CA ILE A 349 5.06 -0.45 2.63
C ILE A 349 5.27 -0.42 1.13
N ALA A 350 4.97 0.70 0.47
CA ALA A 350 5.36 0.89 -0.94
C ALA A 350 6.87 1.02 -1.11
N MET A 351 7.57 1.50 -0.08
CA MET A 351 9.01 1.64 -0.11
C MET A 351 9.47 2.80 -0.99
N ARG A 352 9.09 2.78 -2.28
CA ARG A 352 9.45 3.84 -3.20
C ARG A 352 8.25 4.38 -3.97
N LEU A 353 8.39 5.60 -4.45
CA LEU A 353 7.54 6.18 -5.48
C LEU A 353 8.33 6.33 -6.79
N GLU A 354 7.63 6.18 -7.92
CA GLU A 354 8.27 6.17 -9.22
C GLU A 354 7.38 6.82 -10.27
N ARG A 355 7.99 7.57 -11.18
CA ARG A 355 7.31 8.08 -12.36
C ARG A 355 8.22 7.94 -13.56
N VAL A 356 7.65 7.56 -14.70
CA VAL A 356 8.39 7.58 -15.96
C VAL A 356 8.39 8.99 -16.52
N CYS A 357 9.58 9.54 -16.75
CA CYS A 357 9.75 10.81 -17.44
C CYS A 357 9.49 10.61 -18.94
N LYS A 358 8.46 11.24 -19.48
CA LYS A 358 8.09 10.98 -20.86
C LYS A 358 8.69 11.97 -21.88
N LYS A 359 9.53 12.92 -21.44
CA LYS A 359 10.08 13.94 -22.33
C LYS A 359 11.45 14.38 -21.82
N ASP A 360 12.30 14.82 -22.73
CA ASP A 360 13.45 15.62 -22.30
C ASP A 360 12.92 16.80 -21.48
N VAL A 361 13.37 16.91 -20.24
CA VAL A 361 12.90 17.97 -19.37
C VAL A 361 14.04 18.42 -18.48
N GLU A 362 13.88 19.62 -17.94
CA GLU A 362 14.81 20.19 -16.98
C GLU A 362 13.98 20.71 -15.82
N ILE A 363 14.27 20.22 -14.61
CA ILE A 363 13.52 20.58 -13.42
C ILE A 363 14.53 20.91 -12.31
N ASN A 364 14.18 21.91 -11.50
CA ASN A 364 15.03 22.46 -10.45
C ASN A 364 16.49 22.47 -10.86
N GLY A 365 16.76 22.87 -12.11
CA GLY A 365 18.12 23.04 -12.59
C GLY A 365 18.87 21.77 -12.95
N MET A 366 18.17 20.72 -13.36
CA MET A 366 18.80 19.44 -13.70
C MET A 366 18.15 18.85 -14.93
N PHE A 367 18.97 18.46 -15.91
CA PHE A 367 18.42 17.87 -17.13
C PHE A 367 17.94 16.46 -16.86
N ILE A 368 16.84 16.10 -17.52
CA ILE A 368 16.26 14.76 -17.36
C ILE A 368 15.88 14.24 -18.74
N PRO A 369 16.65 13.31 -19.31
CA PRO A 369 16.36 12.86 -20.68
C PRO A 369 15.16 11.93 -20.69
N LYS A 370 14.58 11.79 -21.87
CA LYS A 370 13.36 11.00 -22.05
C LYS A 370 13.57 9.57 -21.59
N GLY A 371 12.48 8.93 -21.16
CA GLY A 371 12.49 7.53 -20.79
C GLY A 371 13.12 7.17 -19.46
N VAL A 372 13.83 8.10 -18.80
CA VAL A 372 14.40 7.78 -17.49
C VAL A 372 13.26 7.51 -16.50
N VAL A 373 13.53 6.67 -15.50
CA VAL A 373 12.59 6.43 -14.41
C VAL A 373 13.03 7.27 -13.21
N VAL A 374 12.18 8.23 -12.83
CA VAL A 374 12.39 9.05 -11.65
C VAL A 374 11.81 8.32 -10.45
N MET A 375 12.60 8.26 -9.37
CA MET A 375 12.30 7.44 -8.21
CA MET A 375 12.27 7.45 -8.20
C MET A 375 12.46 8.26 -6.93
N ILE A 376 11.48 8.17 -6.03
CA ILE A 376 11.61 8.76 -4.70
C ILE A 376 11.78 7.63 -3.69
N PRO A 377 12.91 7.57 -3.00
CA PRO A 377 13.22 6.51 -2.02
C PRO A 377 12.57 6.79 -0.67
N SER A 378 11.27 6.52 -0.61
CA SER A 378 10.49 6.88 0.58
C SER A 378 11.09 6.27 1.84
N TYR A 379 11.22 4.94 1.87
CA TYR A 379 11.75 4.28 3.05
C TYR A 379 12.96 5.01 3.60
N ALA A 380 13.88 5.39 2.71
CA ALA A 380 15.16 5.94 3.16
C ALA A 380 14.99 7.36 3.67
N LEU A 381 14.08 8.13 3.08
CA LEU A 381 13.80 9.47 3.57
C LEU A 381 13.10 9.42 4.93
N HIS A 382 12.22 8.45 5.13
CA HIS A 382 11.58 8.29 6.43
C HIS A 382 12.58 8.00 7.55
N ARG A 383 13.80 7.54 7.23
CA ARG A 383 14.77 7.18 8.24
C ARG A 383 16.04 8.02 8.12
N ASP A 384 15.92 9.18 7.47
CA ASP A 384 17.06 10.07 7.31
C ASP A 384 17.31 10.83 8.61
N PRO A 385 18.49 10.71 9.21
CA PRO A 385 18.80 11.56 10.38
C PRO A 385 18.78 13.04 10.06
N LYS A 386 18.90 13.43 8.80
CA LYS A 386 18.93 14.85 8.44
C LYS A 386 17.57 15.51 8.59
N TYR A 387 16.48 14.73 8.71
CA TYR A 387 15.15 15.26 9.00
C TYR A 387 14.52 14.69 10.26
N TRP A 388 14.95 13.51 10.71
CA TRP A 388 14.33 12.86 11.86
C TRP A 388 15.40 12.54 12.88
N THR A 389 15.35 13.22 14.02
CA THR A 389 16.22 12.81 15.12
C THR A 389 15.77 11.45 15.62
N GLU A 390 16.75 10.60 15.95
CA GLU A 390 16.52 9.23 16.37
C GLU A 390 15.53 8.53 15.42
N PRO A 391 15.92 8.37 14.14
CA PRO A 391 14.92 7.93 13.15
C PRO A 391 14.44 6.52 13.38
N GLU A 392 15.25 5.66 13.98
CA GLU A 392 14.85 4.28 14.17
C GLU A 392 13.94 4.07 15.37
N LYS A 393 13.94 4.99 16.33
CA LYS A 393 13.07 4.85 17.49
C LYS A 393 11.61 5.11 17.09
N PHE A 394 10.71 4.40 17.75
CA PHE A 394 9.29 4.60 17.56
C PHE A 394 8.81 5.67 18.54
N LEU A 395 8.67 6.91 18.08
CA LEU A 395 8.31 8.07 18.90
C LEU A 395 7.10 8.78 18.32
N PRO A 396 5.88 8.37 18.70
CA PRO A 396 4.65 8.97 18.14
C PRO A 396 4.54 10.47 18.30
N GLU A 397 5.34 11.06 19.20
CA GLU A 397 5.21 12.49 19.44
C GLU A 397 5.77 13.33 18.30
N ARG A 398 6.59 12.75 17.42
CA ARG A 398 6.93 13.44 16.17
C ARG A 398 5.69 14.01 15.50
N PHE A 399 4.53 13.38 15.71
CA PHE A 399 3.33 13.75 15.00
C PHE A 399 2.32 14.49 15.84
N SER A 400 2.64 14.77 17.10
CA SER A 400 1.82 15.66 17.91
C SER A 400 1.51 16.94 17.16
N LYS A 401 0.28 17.44 17.31
CA LYS A 401 -0.11 18.71 16.73
C LYS A 401 0.84 19.86 17.09
N LYS A 402 1.74 19.67 18.05
CA LYS A 402 2.81 20.63 18.28
C LYS A 402 3.88 20.57 17.19
N ASN A 403 4.40 19.36 16.91
CA ASN A 403 5.54 19.18 16.01
C ASN A 403 5.15 18.80 14.60
N LYS A 404 3.89 18.43 14.36
CA LYS A 404 3.44 18.03 13.03
C LYS A 404 3.67 19.12 11.97
N ASP A 405 4.02 20.34 12.40
CA ASP A 405 4.34 21.43 11.48
C ASP A 405 5.78 21.42 11.00
N ASN A 406 6.67 20.72 11.70
CA ASN A 406 8.07 20.61 11.31
C ASN A 406 8.34 19.37 10.44
N ILE A 407 7.33 18.88 9.73
CA ILE A 407 7.43 17.65 8.93
C ILE A 407 7.14 17.99 7.48
N ASP A 408 8.11 17.73 6.60
CA ASP A 408 7.95 18.09 5.20
C ASP A 408 7.09 17.07 4.46
N PRO A 409 5.97 17.50 3.87
CA PRO A 409 5.08 16.54 3.16
C PRO A 409 5.71 15.87 1.95
N TYR A 410 6.90 16.29 1.52
CA TYR A 410 7.58 15.58 0.44
C TYR A 410 8.74 14.74 0.95
N ILE A 411 8.93 14.70 2.26
CA ILE A 411 9.80 13.72 2.89
C ILE A 411 9.01 12.55 3.47
N TYR A 412 7.86 12.82 4.08
CA TYR A 412 6.98 11.79 4.64
C TYR A 412 5.79 11.58 3.71
N THR A 413 5.81 10.49 2.95
CA THR A 413 4.84 10.28 1.88
C THR A 413 4.38 8.83 1.81
N PRO A 414 3.78 8.31 2.89
CA PRO A 414 3.40 6.89 2.90
C PRO A 414 2.33 6.54 1.86
N PHE A 415 1.60 7.53 1.37
CA PHE A 415 0.60 7.38 0.32
C PHE A 415 0.99 8.13 -0.96
N GLY A 416 2.26 8.48 -1.10
CA GLY A 416 2.62 9.24 -2.27
C GLY A 416 2.07 10.65 -2.17
N SER A 417 2.12 11.36 -3.30
CA SER A 417 1.64 12.73 -3.33
C SER A 417 1.27 13.12 -4.76
N GLY A 418 0.39 14.12 -4.87
CA GLY A 418 0.04 14.67 -6.16
C GLY A 418 -1.14 13.98 -6.80
N PRO A 419 -1.45 14.27 -8.01
CA PRO A 419 -2.63 13.73 -8.62
C PRO A 419 -2.63 12.24 -8.70
N ARG A 420 -1.51 11.60 -8.54
CA ARG A 420 -1.54 10.17 -8.64
C ARG A 420 -1.20 9.45 -7.36
N ASN A 421 -1.58 10.02 -6.23
CA ASN A 421 -1.28 9.45 -4.99
C ASN A 421 -2.30 8.44 -4.70
N CYS A 422 -2.20 7.78 -3.58
CA CYS A 422 -3.13 6.72 -3.19
C CYS A 422 -4.59 7.15 -3.15
N ILE A 423 -5.40 6.65 -4.09
CA ILE A 423 -6.82 6.99 -4.08
C ILE A 423 -7.53 6.42 -2.85
N GLY A 424 -7.06 5.29 -2.32
CA GLY A 424 -7.72 4.64 -1.21
C GLY A 424 -7.22 5.11 0.15
N MET A 425 -6.53 6.25 0.21
CA MET A 425 -5.89 6.70 1.45
C MET A 425 -6.88 6.88 2.60
N ARG A 426 -7.87 7.75 2.44
CA ARG A 426 -8.82 7.98 3.53
CA ARG A 426 -8.85 7.98 3.51
C ARG A 426 -9.47 6.67 3.97
N PHE A 427 -9.90 5.86 3.01
CA PHE A 427 -10.51 4.58 3.36
C PHE A 427 -9.52 3.69 4.13
N ALA A 428 -8.28 3.58 3.65
CA ALA A 428 -7.30 2.72 4.29
C ALA A 428 -7.09 3.11 5.75
N LEU A 429 -6.94 4.41 6.02
CA LEU A 429 -6.72 4.87 7.39
C LEU A 429 -7.94 4.60 8.25
N MET A 430 -9.14 4.82 7.70
CA MET A 430 -10.38 4.67 8.43
C MET A 430 -10.64 3.21 8.79
N ASN A 431 -10.43 2.33 7.82
CA ASN A 431 -10.49 0.89 8.05
C ASN A 431 -9.54 0.47 9.18
N MET A 432 -8.27 0.84 9.06
CA MET A 432 -7.27 0.44 10.04
C MET A 432 -7.55 1.02 11.43
N LYS A 433 -8.07 2.24 11.52
CA LYS A 433 -8.35 2.81 12.83
C LYS A 433 -9.58 2.19 13.47
N LEU A 434 -10.65 1.94 12.69
CA LEU A 434 -11.79 1.24 13.26
C LEU A 434 -11.36 -0.09 13.86
N ALA A 435 -10.43 -0.77 13.20
CA ALA A 435 -9.95 -2.05 13.71
C ALA A 435 -9.24 -1.85 15.04
N LEU A 436 -8.35 -0.86 15.11
CA LEU A 436 -7.59 -0.63 16.33
C LEU A 436 -8.49 -0.28 17.51
N ILE A 437 -9.46 0.59 17.29
CA ILE A 437 -10.31 1.01 18.40
C ILE A 437 -11.01 -0.20 19.01
N ARG A 438 -11.70 -0.99 18.17
CA ARG A 438 -12.48 -2.11 18.70
C ARG A 438 -11.57 -3.15 19.37
N VAL A 439 -10.39 -3.40 18.80
CA VAL A 439 -9.43 -4.33 19.39
C VAL A 439 -8.95 -3.84 20.76
N LEU A 440 -8.51 -2.58 20.84
CA LEU A 440 -7.90 -2.06 22.06
C LEU A 440 -8.93 -1.71 23.11
N GLN A 441 -10.20 -1.56 22.72
CA GLN A 441 -11.24 -1.49 23.72
C GLN A 441 -11.29 -2.75 24.56
N ASN A 442 -10.74 -3.87 24.05
CA ASN A 442 -11.02 -5.17 24.64
C ASN A 442 -9.79 -5.96 25.09
N PHE A 443 -8.64 -5.74 24.51
CA PHE A 443 -7.48 -6.57 24.76
C PHE A 443 -6.24 -5.71 24.97
N SER A 444 -5.27 -6.31 25.63
CA SER A 444 -3.92 -5.78 25.64
C SER A 444 -3.00 -6.83 25.01
N PHE A 445 -1.83 -6.37 24.57
CA PHE A 445 -0.99 -7.13 23.66
C PHE A 445 0.42 -7.16 24.18
N LYS A 446 0.91 -8.35 24.52
CA LYS A 446 2.17 -8.46 25.22
C LYS A 446 3.12 -9.35 24.44
N PRO A 447 4.39 -8.98 24.37
CA PRO A 447 5.41 -9.87 23.83
C PRO A 447 5.30 -11.30 24.34
N CYS A 448 5.48 -12.24 23.43
CA CYS A 448 5.69 -13.64 23.79
C CYS A 448 7.17 -13.96 23.63
N LYS A 449 7.59 -15.04 24.30
CA LYS A 449 8.94 -15.54 24.10
C LYS A 449 9.28 -15.65 22.62
N GLU A 450 8.33 -16.15 21.82
CA GLU A 450 8.52 -16.37 20.39
C GLU A 450 8.38 -15.10 19.55
N THR A 451 8.25 -13.93 20.19
CA THR A 451 8.19 -12.69 19.43
C THR A 451 9.60 -12.26 19.03
N GLN A 452 9.74 -11.79 17.80
CA GLN A 452 11.02 -11.35 17.24
C GLN A 452 11.27 -9.89 17.63
N ILE A 453 12.11 -9.66 18.62
CA ILE A 453 12.49 -8.34 19.08
C ILE A 453 14.01 -8.20 18.91
N PRO A 454 14.50 -7.21 18.15
CA PRO A 454 13.69 -6.30 17.34
C PRO A 454 13.39 -6.87 15.97
N LEU A 455 12.18 -6.59 15.49
CA LEU A 455 11.72 -7.06 14.20
C LEU A 455 12.77 -6.83 13.13
N LYS A 456 12.92 -7.82 12.25
CA LYS A 456 13.77 -7.70 11.07
C LYS A 456 12.89 -7.60 9.83
N LEU A 457 13.23 -6.67 8.95
CA LEU A 457 12.51 -6.55 7.69
C LEU A 457 13.01 -7.59 6.71
N SER A 458 12.08 -8.12 5.92
CA SER A 458 12.42 -9.07 4.88
C SER A 458 13.41 -8.46 3.90
N LEU A 459 14.45 -9.23 3.56
CA LEU A 459 15.43 -8.90 2.52
C LEU A 459 14.85 -8.95 1.12
N GLY A 460 13.62 -9.44 0.96
CA GLY A 460 12.96 -9.50 -0.33
C GLY A 460 12.52 -8.15 -0.83
N GLY A 461 11.48 -8.15 -1.65
CA GLY A 461 11.01 -6.97 -2.37
C GLY A 461 9.68 -6.47 -1.84
N LEU A 462 9.38 -6.84 -0.61
CA LEU A 462 8.18 -6.44 0.10
C LEU A 462 8.60 -5.83 1.42
N LEU A 463 7.86 -4.85 1.87
CA LEU A 463 8.10 -4.48 3.19
C LEU A 463 7.23 -5.30 3.98
N GLN A 464 7.85 -6.22 4.64
CA GLN A 464 7.17 -7.16 5.52
C GLN A 464 8.19 -7.70 6.49
N PRO A 465 7.76 -8.27 7.60
CA PRO A 465 8.71 -8.80 8.58
C PRO A 465 9.39 -10.04 8.07
N GLU A 466 10.67 -10.19 8.43
CA GLU A 466 11.40 -11.42 8.10
C GLU A 466 10.61 -12.63 8.62
N LYS A 467 10.37 -12.66 9.94
CA LYS A 467 9.54 -13.58 10.70
C LYS A 467 8.21 -12.91 11.06
N PRO A 468 7.09 -13.61 10.99
CA PRO A 468 5.79 -12.97 11.23
C PRO A 468 5.56 -12.67 12.70
N VAL A 469 4.66 -11.71 12.96
CA VAL A 469 4.51 -11.14 14.30
C VAL A 469 3.57 -12.01 15.15
N VAL A 470 4.06 -12.42 16.34
CA VAL A 470 3.28 -13.23 17.29
C VAL A 470 3.33 -12.58 18.68
N LEU A 471 2.15 -12.38 19.29
CA LEU A 471 2.05 -11.70 20.57
C LEU A 471 1.12 -12.44 21.51
N LYS A 472 1.13 -12.02 22.77
CA LYS A 472 0.16 -12.50 23.75
C LYS A 472 -1.01 -11.51 23.81
N VAL A 473 -2.21 -12.06 23.93
CA VAL A 473 -3.45 -11.28 23.87
C VAL A 473 -4.24 -11.58 25.13
N GLU A 474 -4.56 -10.54 25.89
CA GLU A 474 -5.27 -10.71 27.15
C GLU A 474 -6.54 -9.89 27.15
N SER A 475 -7.60 -10.43 27.71
CA SER A 475 -8.86 -9.70 27.82
CA SER A 475 -8.87 -9.70 27.83
C SER A 475 -8.73 -8.62 28.89
N ARG A 476 -9.17 -7.40 28.56
CA ARG A 476 -9.32 -6.42 29.62
C ARG A 476 -10.41 -6.86 30.59
N ASP A 477 -11.15 -7.89 30.22
CA ASP A 477 -11.87 -8.73 31.15
C ASP A 477 -11.06 -10.00 31.45
CHA HEM B . -1.43 4.01 -4.95
CHB HEM B . 0.08 3.39 -0.39
CHC HEM B . -4.17 1.22 0.54
CHD HEM B . -5.78 2.11 -3.92
C1A HEM B . -0.67 4.02 -3.80
C2A HEM B . 0.65 4.59 -3.67
C3A HEM B . 1.07 4.43 -2.43
C4A HEM B . 0.03 3.76 -1.70
CMA HEM B . 2.46 4.91 -1.92
CAA HEM B . 1.44 5.30 -4.76
CBA HEM B . 1.11 6.81 -4.67
CGA HEM B . 2.01 7.58 -5.60
O1A HEM B . 2.32 8.77 -5.29
O2A HEM B . 2.43 7.01 -6.64
C1B HEM B . -0.96 2.75 0.27
C2B HEM B . -0.98 2.37 1.67
C3B HEM B . -2.15 1.77 1.89
C4B HEM B . -2.89 1.77 0.67
CMB HEM B . 0.16 2.63 2.68
CAB HEM B . -2.76 1.15 3.17
CBB HEM B . -2.17 1.12 4.38
C1C HEM B . -4.99 1.31 -0.55
C2C HEM B . -6.37 0.92 -0.61
C3C HEM B . -6.85 1.17 -1.80
C4C HEM B . -5.78 1.75 -2.60
CMC HEM B . -7.24 0.36 0.52
CAC HEM B . -8.32 0.83 -2.10
CBC HEM B . -8.93 1.18 -3.21
C1D HEM B . -4.70 2.65 -4.60
C2D HEM B . -4.70 2.98 -6.00
C3D HEM B . -3.51 3.53 -6.30
C4D HEM B . -2.72 3.54 -5.07
CMD HEM B . -5.89 2.72 -6.96
CAD HEM B . -3.02 4.04 -7.70
CBD HEM B . -3.73 5.37 -8.02
CGD HEM B . -3.42 5.95 -9.40
O1D HEM B . -4.11 6.91 -9.88
O2D HEM B . -2.46 5.46 -10.05
NA HEM B . -1.01 3.51 -2.58
NB HEM B . -2.14 2.36 -0.31
NC HEM B . -4.67 1.84 -1.79
ND HEM B . -3.48 3.02 -4.07
FE HEM B . -2.88 2.72 -2.20
C01 D7J C . 0.82 -4.63 -9.33
C02 D7J C . 0.29 -3.25 -9.34
C03 D7J C . -0.26 -2.97 -10.63
C05 D7J C . 0.93 -1.22 -8.37
C06 D7J C . 0.91 0.07 -9.14
C08 D7J C . 2.32 1.59 -7.03
C09 D7J C . 2.58 0.45 -6.05
C10 D7J C . 1.89 0.75 -4.65
C11 D7J C . 2.17 -0.16 -3.53
C12 D7J C . 1.78 0.18 -2.23
C13 D7J C . 2.01 -0.63 -1.15
C14 D7J C . 2.67 -1.84 -1.31
C15 D7J C . 3.10 -2.21 -2.58
C16 D7J C . 2.84 -1.39 -3.68
C18 D7J C . 5.32 0.63 -6.03
C21 D7J C . 7.39 -0.10 -7.29
C22 D7J C . 7.79 -0.28 -8.79
C23 D7J C . 7.40 -1.49 -6.65
C24 D7J C . 8.43 0.84 -6.63
C25 D7J C . -0.55 -1.33 -7.74
C28 D7J C . -2.02 -1.84 -5.82
C29 D7J C . -1.88 -1.14 -4.51
C30 D7J C . -1.24 -1.73 -3.47
C31 D7J C . -1.07 -1.14 -2.27
C32 D7J C . -1.55 0.20 -2.08
C34 D7J C . -2.30 0.12 -4.25
N04 D7J C . 1.32 -2.35 -9.18
N17 D7J C . 4.06 -0.07 -6.08
N27 D7J C . -0.72 -1.79 -6.45
N33 D7J C . -2.18 0.79 -3.04
O19 D7J C . 5.90 0.76 -4.99
O20 D7J C . 6.06 0.57 -7.24
O26 D7J C . -1.50 -0.95 -8.37
S07 D7J C . 0.70 1.39 -7.86
#